data_5GW8
#
_entry.id   5GW8
#
_cell.length_a   76.970
_cell.length_b   82.320
_cell.length_c   116.870
_cell.angle_alpha   90.00
_cell.angle_beta   90.00
_cell.angle_gamma   90.00
#
_symmetry.space_group_name_H-M   'P 21 21 21'
#
loop_
_entity.id
_entity.type
_entity.pdbx_description
1 polymer 'Hypothetical secretory lipase (Family 3)'
2 branched 2-acetamido-2-deoxy-beta-D-glucopyranose-(1-4)-2-acetamido-2-deoxy-beta-D-glucopyranose
3 non-polymer 2-acetamido-2-deoxy-beta-D-glucopyranose
4 non-polymer 'MALONIC ACID'
5 non-polymer 'ACETIC ACID'
6 non-polymer 'FORMIC ACID'
7 non-polymer GLYCEROL
8 water water
#
_entity_poly.entity_id   1
_entity_poly.type   'polypeptide(L)'
_entity_poly.pdbx_seq_one_letter_code
;GALIEHHAASSTDQPVDVPYNLDMFSQAAVLAQETYCGEQAHDYGLKLGDATLLWTAGDGNVRQRVNLYQSDSLGIAVAI
QGTNTSSLRSDLHDAQLRPVDPDSRYRRFLPQGTKVMNGFQKGYTDLVDDIFDHVKKFKQEKNESRVTVIGHSLGAAIGL
LASLDINLRLEDGLFKSYLFGLPRVGNPIFANFVDRKIGDKLHWVVNGRDWVPTVPPRALGYQHPSNYVWIYPANSTNWK
LYPGQENVHGMLTVAREFNFDDHEGIYFHTQIGASLGKCPAVLGGY
;
_entity_poly.pdbx_strand_id   A,B
#
# COMPACT_ATOMS: atom_id res chain seq x y z
N LEU A 3 7.78 -7.39 7.49
CA LEU A 3 6.48 -6.68 7.18
C LEU A 3 5.97 -6.03 8.43
N ILE A 4 5.36 -4.87 8.25
CA ILE A 4 4.52 -4.28 9.28
C ILE A 4 3.15 -5.05 9.34
N GLU A 5 3.00 -5.90 10.33
CA GLU A 5 1.72 -6.59 10.56
C GLU A 5 0.68 -5.72 11.30
N HIS A 6 1.00 -4.49 11.72
CA HIS A 6 -0.02 -3.64 12.34
C HIS A 6 -1.09 -3.16 11.30
N HIS A 7 -2.30 -3.02 11.84
CA HIS A 7 -3.46 -2.65 11.11
C HIS A 7 -3.39 -1.14 11.03
N ALA A 8 -4.30 -0.55 10.30
CA ALA A 8 -4.50 0.87 10.37
C ALA A 8 -5.86 1.10 9.76
N ALA A 9 -6.47 2.21 10.12
CA ALA A 9 -7.76 2.56 9.60
C ALA A 9 -7.61 2.93 8.11
N SER A 10 -8.63 2.61 7.32
CA SER A 10 -8.79 3.19 6.01
C SER A 10 -10.28 3.51 5.89
N SER A 11 -10.61 4.79 5.98
CA SER A 11 -12.02 5.18 6.09
C SER A 11 -12.77 4.88 4.80
N THR A 12 -14.03 4.50 4.94
CA THR A 12 -14.93 4.27 3.82
C THR A 12 -15.99 5.36 3.70
N ASP A 13 -15.92 6.41 4.52
CA ASP A 13 -16.89 7.51 4.44
C ASP A 13 -16.81 8.20 3.09
N GLN A 14 -17.97 8.62 2.60
CA GLN A 14 -18.08 9.31 1.31
C GLN A 14 -17.43 10.68 1.41
N PRO A 15 -16.86 11.16 0.28
CA PRO A 15 -16.35 12.52 0.28
C PRO A 15 -17.51 13.51 0.38
N VAL A 16 -17.18 14.65 0.95
CA VAL A 16 -18.13 15.72 1.24
C VAL A 16 -17.58 17.02 0.69
N ASP A 17 -18.42 18.05 0.60
CA ASP A 17 -17.95 19.37 0.17
C ASP A 17 -16.93 19.92 1.19
N VAL A 18 -16.03 20.74 0.68
CA VAL A 18 -15.00 21.36 1.50
C VAL A 18 -15.67 22.47 2.31
N PRO A 19 -15.61 22.39 3.66
CA PRO A 19 -16.35 23.37 4.45
C PRO A 19 -15.49 24.59 4.84
N TYR A 20 -14.24 24.63 4.38
CA TYR A 20 -13.28 25.62 4.88
C TYR A 20 -13.41 26.99 4.24
N ASN A 21 -12.93 27.97 4.98
CA ASN A 21 -12.77 29.30 4.45
C ASN A 21 -11.60 29.22 3.48
N LEU A 22 -11.88 29.33 2.19
CA LEU A 22 -10.81 29.19 1.19
C LEU A 22 -9.98 30.47 1.02
N ASP A 23 -10.46 31.58 1.53
CA ASP A 23 -9.65 32.80 1.52
C ASP A 23 -8.45 32.63 2.41
N MET A 24 -8.68 32.05 3.58
CA MET A 24 -7.60 31.75 4.49
C MET A 24 -6.66 30.65 3.98
N PHE A 25 -7.20 29.63 3.33
CA PHE A 25 -6.37 28.56 2.74
C PHE A 25 -5.44 29.14 1.64
N SER A 26 -5.96 30.06 0.84
CA SER A 26 -5.16 30.76 -0.22
C SER A 26 -4.11 31.68 0.38
N GLN A 27 -4.50 32.41 1.42
CA GLN A 27 -3.55 33.23 2.16
C GLN A 27 -2.39 32.39 2.68
N ALA A 28 -2.68 31.19 3.16
CA ALA A 28 -1.62 30.27 3.56
C ALA A 28 -0.75 29.89 2.37
N ALA A 29 -1.41 29.61 1.26
CA ALA A 29 -0.74 29.17 0.04
C ALA A 29 0.30 30.17 -0.47
N VAL A 30 0.00 31.46 -0.44
CA VAL A 30 1.01 32.44 -0.88
C VAL A 30 2.22 32.45 0.08
N LEU A 31 1.98 32.22 1.38
CA LEU A 31 3.07 32.17 2.34
C LEU A 31 3.85 30.89 2.18
N ALA A 32 3.18 29.78 1.88
CA ALA A 32 3.91 28.55 1.57
C ALA A 32 4.86 28.77 0.35
N GLN A 33 4.40 29.50 -0.64
CA GLN A 33 5.25 29.78 -1.80
C GLN A 33 6.44 30.68 -1.46
N GLU A 34 6.18 31.76 -0.72
CA GLU A 34 7.24 32.74 -0.40
C GLU A 34 8.46 32.08 0.29
N THR A 35 8.24 30.94 0.94
CA THR A 35 9.36 30.19 1.50
C THR A 35 10.45 29.80 0.49
N TYR A 36 10.06 29.69 -0.77
CA TYR A 36 11.03 29.42 -1.85
C TYR A 36 11.80 30.63 -2.38
N CYS A 37 11.51 31.82 -1.87
CA CYS A 37 12.11 33.06 -2.39
C CYS A 37 13.33 33.47 -1.57
N GLY A 38 14.52 33.05 -2.02
CA GLY A 38 15.75 33.29 -1.27
C GLY A 38 16.23 34.74 -1.19
N GLU A 39 16.09 35.49 -2.27
CA GLU A 39 16.50 36.90 -2.27
C GLU A 39 15.65 37.81 -1.38
N GLN A 40 14.40 37.41 -1.14
CA GLN A 40 13.47 38.18 -0.35
C GLN A 40 13.43 37.72 1.09
N ALA A 41 14.22 36.70 1.41
CA ALA A 41 14.17 36.01 2.71
C ALA A 41 14.23 36.94 3.90
N HIS A 42 15.09 37.96 3.80
CA HIS A 42 15.21 38.96 4.84
C HIS A 42 14.67 40.32 4.45
N ASP A 43 13.68 40.38 3.55
CA ASP A 43 13.02 41.66 3.19
C ASP A 43 11.96 41.97 4.29
N TYR A 44 12.39 42.16 5.54
CA TYR A 44 11.43 42.36 6.64
C TYR A 44 10.55 43.58 6.36
N GLY A 45 9.24 43.43 6.52
CA GLY A 45 8.27 44.44 6.11
C GLY A 45 7.47 44.07 4.86
N LEU A 46 8.03 43.19 4.03
CA LEU A 46 7.33 42.72 2.83
C LEU A 46 5.97 42.17 3.20
N LYS A 47 4.93 42.54 2.44
CA LYS A 47 3.57 42.14 2.72
C LYS A 47 2.97 41.30 1.60
N LEU A 48 2.41 40.15 1.95
CA LEU A 48 1.80 39.22 0.99
C LEU A 48 0.40 38.92 1.49
N GLY A 49 -0.59 39.46 0.78
CA GLY A 49 -1.98 39.44 1.21
C GLY A 49 -2.09 40.25 2.47
N ASP A 50 -2.54 39.62 3.57
CA ASP A 50 -2.69 40.28 4.85
C ASP A 50 -1.54 40.08 5.80
N ALA A 51 -0.41 39.59 5.29
CA ALA A 51 0.69 39.10 6.12
C ALA A 51 2.01 39.84 5.88
N THR A 52 2.56 40.37 6.98
CA THR A 52 3.81 41.10 6.95
C THR A 52 4.99 40.29 7.51
N LEU A 53 6.07 40.20 6.74
CA LEU A 53 7.25 39.42 7.13
C LEU A 53 8.00 40.13 8.26
N LEU A 54 8.25 39.40 9.34
CA LEU A 54 8.94 39.91 10.54
C LEU A 54 10.32 39.27 10.78
N TRP A 55 10.52 38.04 10.31
CA TRP A 55 11.68 37.25 10.72
C TRP A 55 11.81 35.99 9.89
N THR A 56 13.06 35.59 9.64
CA THR A 56 13.40 34.43 8.82
C THR A 56 14.64 33.76 9.37
N ALA A 57 14.69 32.44 9.32
CA ALA A 57 15.91 31.71 9.64
C ALA A 57 16.04 30.61 8.60
N GLY A 58 17.21 30.00 8.54
CA GLY A 58 17.49 28.93 7.59
C GLY A 58 17.68 29.41 6.16
N ASP A 59 18.28 28.56 5.33
CA ASP A 59 18.62 28.91 3.95
C ASP A 59 18.38 27.82 2.90
N GLY A 60 17.64 26.77 3.27
CA GLY A 60 17.37 25.68 2.35
C GLY A 60 18.52 24.70 2.13
N ASN A 61 19.69 24.97 2.71
CA ASN A 61 20.83 24.12 2.54
C ASN A 61 20.98 23.34 3.82
N VAL A 62 21.44 23.99 4.89
CA VAL A 62 21.68 23.26 6.14
C VAL A 62 20.36 23.07 6.96
N ARG A 63 19.47 24.07 6.90
CA ARG A 63 18.13 24.00 7.47
C ARG A 63 17.16 24.55 6.46
N GLN A 64 15.90 24.12 6.52
CA GLN A 64 14.87 24.73 5.72
C GLN A 64 14.64 26.18 6.14
N ARG A 65 14.38 27.03 5.15
CA ARG A 65 13.95 28.40 5.37
C ARG A 65 12.59 28.43 6.12
N VAL A 66 12.51 29.25 7.17
CA VAL A 66 11.22 29.53 7.81
C VAL A 66 10.97 31.03 7.77
N ASN A 67 9.77 31.43 7.36
CA ASN A 67 9.39 32.85 7.33
C ASN A 67 8.28 33.03 8.34
N LEU A 68 8.38 34.08 9.14
CA LEU A 68 7.40 34.37 10.19
C LEU A 68 6.74 35.73 9.93
N TYR A 69 5.40 35.73 9.95
CA TYR A 69 4.57 36.89 9.62
C TYR A 69 3.63 37.28 10.76
N GLN A 70 3.21 38.54 10.75
CA GLN A 70 1.98 38.93 11.38
C GLN A 70 0.94 38.98 10.26
N SER A 71 -0.15 38.22 10.41
CA SER A 71 -1.26 38.14 9.45
C SER A 71 -2.54 38.50 10.19
N ASP A 72 -3.34 39.36 9.57
CA ASP A 72 -4.62 39.75 10.18
C ASP A 72 -5.48 38.52 10.44
N SER A 73 -5.63 37.66 9.44
CA SER A 73 -6.49 36.49 9.53
C SER A 73 -5.85 35.25 10.19
N LEU A 74 -4.52 35.17 10.22
CA LEU A 74 -3.83 33.95 10.71
C LEU A 74 -3.00 34.14 11.96
N GLY A 75 -2.76 35.39 12.34
CA GLY A 75 -1.96 35.71 13.53
C GLY A 75 -0.49 35.61 13.22
N ILE A 76 0.28 35.05 14.16
CA ILE A 76 1.69 34.80 13.94
C ILE A 76 1.76 33.53 13.10
N ALA A 77 2.15 33.69 11.83
CA ALA A 77 2.20 32.62 10.86
C ALA A 77 3.64 32.25 10.55
N VAL A 78 3.91 30.96 10.64
CA VAL A 78 5.22 30.41 10.48
C VAL A 78 5.13 29.52 9.26
N ALA A 79 5.87 29.85 8.20
CA ALA A 79 5.83 29.09 6.95
C ALA A 79 7.18 28.46 6.74
N ILE A 80 7.18 27.16 6.46
CA ILE A 80 8.41 26.37 6.34
C ILE A 80 8.61 25.91 4.89
N GLN A 81 9.81 26.16 4.39
CA GLN A 81 10.18 25.81 3.04
C GLN A 81 10.15 24.30 2.77
N GLY A 82 9.55 23.93 1.65
CA GLY A 82 9.66 22.56 1.17
C GLY A 82 10.77 22.35 0.17
N THR A 83 10.54 21.44 -0.74
CA THR A 83 11.58 21.05 -1.69
C THR A 83 10.85 20.61 -2.98
N ASN A 84 11.51 19.85 -3.83
CA ASN A 84 10.86 19.39 -5.07
C ASN A 84 10.88 17.87 -5.10
N THR A 85 10.13 17.30 -6.03
CA THR A 85 9.98 15.82 -6.05
C THR A 85 11.31 15.14 -6.35
N SER A 86 12.12 15.80 -7.17
CA SER A 86 13.44 15.31 -7.47
C SER A 86 14.33 15.11 -6.23
N SER A 87 14.31 16.10 -5.33
CA SER A 87 15.06 16.02 -4.09
C SER A 87 14.51 14.95 -3.17
N LEU A 88 13.20 14.86 -3.08
CA LEU A 88 12.59 13.84 -2.23
C LEU A 88 12.90 12.45 -2.78
N ARG A 89 12.86 12.29 -4.10
CA ARG A 89 13.18 10.96 -4.67
C ARG A 89 14.59 10.53 -4.33
N SER A 90 15.52 11.48 -4.23
CA SER A 90 16.95 11.19 -3.97
C SER A 90 17.30 10.95 -2.54
N ASP A 91 16.67 11.69 -1.62
CA ASP A 91 17.07 11.68 -0.21
C ASP A 91 16.24 10.75 0.66
N LEU A 92 15.03 10.35 0.23
CA LEU A 92 14.19 9.43 1.02
C LEU A 92 14.68 7.99 0.90
N HIS A 93 15.80 7.68 1.54
CA HIS A 93 16.29 6.32 1.54
C HIS A 93 16.85 5.99 2.92
N ASP A 94 16.94 4.69 3.22
CA ASP A 94 17.75 4.16 4.33
C ASP A 94 17.39 4.86 5.66
N ALA A 95 18.36 5.54 6.28
CA ALA A 95 18.16 6.05 7.61
C ALA A 95 17.07 7.13 7.67
N GLN A 96 16.86 7.85 6.56
CA GLN A 96 15.85 8.93 6.51
C GLN A 96 14.41 8.43 6.69
N LEU A 97 14.14 7.19 6.24
CA LEU A 97 12.80 6.56 6.29
C LEU A 97 12.46 5.90 7.63
N ARG A 98 13.46 5.76 8.48
CA ARG A 98 13.33 4.97 9.68
C ARG A 98 12.30 5.61 10.64
N PRO A 99 11.37 4.78 11.18
CA PRO A 99 10.45 5.32 12.18
C PRO A 99 11.18 5.47 13.50
N VAL A 100 11.19 6.66 14.09
CA VAL A 100 11.92 6.91 15.33
C VAL A 100 11.02 7.50 16.42
N ASP A 101 11.53 7.45 17.64
CA ASP A 101 10.82 8.02 18.78
C ASP A 101 10.77 9.54 18.67
N PRO A 102 9.73 10.16 19.25
CA PRO A 102 9.72 11.61 19.22
C PRO A 102 10.93 12.20 19.93
N ASP A 103 11.31 13.41 19.54
CA ASP A 103 12.43 14.12 20.09
C ASP A 103 12.11 14.40 21.54
N SER A 104 13.13 14.41 22.38
CA SER A 104 12.92 14.60 23.81
C SER A 104 12.22 15.90 24.21
N ARG A 105 12.30 16.93 23.39
CA ARG A 105 11.59 18.18 23.68
C ARG A 105 10.10 17.97 23.84
N TYR A 106 9.50 17.08 23.06
CA TYR A 106 8.06 16.90 23.10
C TYR A 106 7.58 15.47 23.36
N ARG A 107 8.51 14.54 23.59
CA ARG A 107 8.19 13.12 23.72
C ARG A 107 7.16 12.83 24.83
N ARG A 108 7.27 13.49 25.97
CA ARG A 108 6.38 13.14 27.08
C ARG A 108 4.94 13.63 26.87
N PHE A 109 4.75 14.50 25.88
CA PHE A 109 3.43 14.96 25.54
C PHE A 109 2.70 14.01 24.58
N LEU A 110 3.43 13.03 24.02
CA LEU A 110 2.89 12.18 22.98
C LEU A 110 2.67 10.77 23.52
N PRO A 111 1.69 10.03 22.97
CA PRO A 111 1.52 8.65 23.43
C PRO A 111 2.78 7.81 23.29
N GLN A 112 2.94 6.89 24.22
CA GLN A 112 3.86 5.79 24.07
C GLN A 112 3.62 5.11 22.71
N GLY A 113 4.71 4.67 22.09
CA GLY A 113 4.65 4.03 20.81
C GLY A 113 4.56 4.95 19.62
N THR A 114 4.40 6.26 19.82
CA THR A 114 4.43 7.21 18.70
C THR A 114 5.74 7.07 17.91
N LYS A 115 5.66 7.01 16.58
CA LYS A 115 6.86 7.03 15.73
C LYS A 115 6.66 8.03 14.60
N VAL A 116 7.72 8.74 14.27
CA VAL A 116 7.73 9.72 13.18
C VAL A 116 8.94 9.46 12.27
N MET A 117 8.85 9.92 11.01
CA MET A 117 9.92 9.64 10.05
C MET A 117 11.14 10.44 10.41
N ASN A 118 12.27 9.74 10.49
CA ASN A 118 13.48 10.32 11.01
C ASN A 118 13.92 11.61 10.25
N GLY A 119 13.96 11.54 8.92
CA GLY A 119 14.35 12.69 8.11
C GLY A 119 13.50 13.93 8.36
N PHE A 120 12.20 13.74 8.55
CA PHE A 120 11.29 14.87 8.73
C PHE A 120 11.44 15.42 10.12
N GLN A 121 11.58 14.54 11.11
CA GLN A 121 11.82 15.04 12.46
C GLN A 121 13.14 15.82 12.57
N LYS A 122 14.21 15.37 11.90
CA LYS A 122 15.47 16.14 11.93
C LYS A 122 15.26 17.51 11.34
N GLY A 123 14.54 17.59 10.24
CA GLY A 123 14.17 18.86 9.63
C GLY A 123 13.52 19.82 10.60
N TYR A 124 12.65 19.29 11.45
CA TYR A 124 12.01 20.10 12.48
C TYR A 124 12.93 20.43 13.60
N THR A 125 13.64 19.44 14.16
CA THR A 125 14.45 19.69 15.36
C THR A 125 15.66 20.59 15.07
N ASP A 126 16.10 20.66 13.82
CA ASP A 126 17.07 21.71 13.46
C ASP A 126 16.56 23.15 13.56
N LEU A 127 15.25 23.35 13.59
CA LEU A 127 14.64 24.67 13.58
C LEU A 127 13.82 25.02 14.81
N VAL A 128 13.35 23.99 15.54
CA VAL A 128 12.31 24.17 16.54
C VAL A 128 12.65 25.24 17.60
N ASP A 129 13.86 25.22 18.13
CA ASP A 129 14.21 26.21 19.19
C ASP A 129 14.17 27.63 18.71
N ASP A 130 14.65 27.87 17.48
CA ASP A 130 14.58 29.21 16.89
C ASP A 130 13.15 29.61 16.60
N ILE A 131 12.35 28.67 16.10
CA ILE A 131 10.95 28.94 15.87
C ILE A 131 10.26 29.31 17.19
N PHE A 132 10.41 28.48 18.22
CA PHE A 132 9.75 28.74 19.53
C PHE A 132 10.11 30.11 20.10
N ASP A 133 11.41 30.39 20.20
CA ASP A 133 11.89 31.70 20.66
C ASP A 133 11.22 32.84 19.88
N HIS A 134 11.18 32.74 18.56
CA HIS A 134 10.73 33.87 17.76
C HIS A 134 9.21 33.96 17.71
N VAL A 135 8.51 32.84 17.69
CA VAL A 135 7.06 32.87 17.88
C VAL A 135 6.70 33.60 19.20
N LYS A 136 7.38 33.26 20.29
CA LYS A 136 7.10 33.90 21.60
C LYS A 136 7.44 35.36 21.53
N LYS A 137 8.60 35.69 20.98
CA LYS A 137 9.02 37.09 20.83
C LYS A 137 7.94 37.89 20.07
N PHE A 138 7.51 37.42 18.91
CA PHE A 138 6.55 38.21 18.12
C PHE A 138 5.05 38.16 18.54
N LYS A 139 4.61 37.09 19.18
CA LYS A 139 3.29 37.06 19.82
C LYS A 139 3.19 38.18 20.88
N GLN A 140 4.25 38.32 21.67
CA GLN A 140 4.30 39.34 22.70
C GLN A 140 4.41 40.74 22.06
N GLU A 141 5.33 40.96 21.11
CA GLU A 141 5.42 42.28 20.44
C GLU A 141 4.15 42.69 19.69
N LYS A 142 3.43 41.76 19.10
CA LYS A 142 2.23 42.11 18.35
C LYS A 142 0.94 41.89 19.13
N ASN A 143 1.05 41.51 20.40
CA ASN A 143 -0.12 41.22 21.24
C ASN A 143 -1.05 40.22 20.54
N GLU A 144 -0.48 39.10 20.10
CA GLU A 144 -1.16 38.12 19.23
C GLU A 144 -1.11 36.74 19.85
N SER A 145 -2.26 36.15 20.11
CA SER A 145 -2.31 34.82 20.69
C SER A 145 -2.48 33.74 19.64
N ARG A 146 -2.84 34.12 18.41
CA ARG A 146 -3.06 33.13 17.35
C ARG A 146 -1.73 32.79 16.69
N VAL A 147 -1.48 31.49 16.54
CA VAL A 147 -0.33 31.00 15.82
C VAL A 147 -0.79 30.02 14.74
N THR A 148 -0.30 30.24 13.50
CA THR A 148 -0.63 29.40 12.37
C THR A 148 0.63 28.83 11.77
N VAL A 149 0.62 27.53 11.47
CA VAL A 149 1.74 26.85 10.84
C VAL A 149 1.35 26.49 9.42
N ILE A 150 2.30 26.66 8.51
CA ILE A 150 2.07 26.57 7.07
C ILE A 150 3.26 25.86 6.45
N GLY A 151 3.00 24.98 5.48
CA GLY A 151 4.09 24.42 4.69
C GLY A 151 3.66 23.59 3.50
N HIS A 152 4.53 23.57 2.51
CA HIS A 152 4.39 22.71 1.33
C HIS A 152 5.49 21.66 1.35
N SER A 153 5.15 20.44 0.91
CA SER A 153 6.18 19.47 0.56
C SER A 153 6.88 19.07 1.85
N LEU A 154 8.21 18.97 1.86
CA LEU A 154 8.96 18.75 3.10
C LEU A 154 8.51 19.71 4.25
N GLY A 155 8.17 20.94 3.86
CA GLY A 155 7.71 21.95 4.79
C GLY A 155 6.37 21.61 5.40
N ALA A 156 5.58 20.82 4.68
CA ALA A 156 4.30 20.34 5.18
C ALA A 156 4.54 19.26 6.24
N ALA A 157 5.51 18.39 5.98
CA ALA A 157 5.91 17.34 6.93
C ALA A 157 6.50 17.95 8.20
N ILE A 158 7.41 18.90 8.03
CA ILE A 158 7.97 19.66 9.19
C ILE A 158 6.86 20.43 9.88
N GLY A 159 5.98 21.02 9.06
CA GLY A 159 4.80 21.72 9.53
C GLY A 159 3.85 20.92 10.37
N LEU A 160 3.62 19.67 9.99
CA LEU A 160 2.70 18.87 10.79
C LEU A 160 3.25 18.67 12.22
N LEU A 161 4.53 18.34 12.31
CA LEU A 161 5.18 18.21 13.60
C LEU A 161 5.14 19.52 14.42
N ALA A 162 5.47 20.63 13.78
CA ALA A 162 5.39 21.93 14.42
C ALA A 162 4.03 22.26 14.95
N SER A 163 2.99 21.91 14.19
CA SER A 163 1.61 22.26 14.49
C SER A 163 1.19 21.55 15.77
N LEU A 164 1.48 20.25 15.81
CA LEU A 164 1.21 19.46 17.00
C LEU A 164 2.03 19.93 18.22
N ASP A 165 3.33 20.14 17.99
CA ASP A 165 4.26 20.52 19.04
C ASP A 165 3.88 21.87 19.67
N ILE A 166 3.64 22.84 18.81
CA ILE A 166 3.17 24.14 19.27
C ILE A 166 1.88 24.01 20.07
N ASN A 167 0.93 23.22 19.58
CA ASN A 167 -0.33 23.10 20.25
C ASN A 167 -0.17 22.51 21.65
N LEU A 168 0.80 21.62 21.84
CA LEU A 168 1.00 20.99 23.12
C LEU A 168 1.95 21.74 24.05
N ARG A 169 2.93 22.46 23.52
CA ARG A 169 4.01 22.94 24.38
C ARG A 169 3.97 24.40 24.61
N LEU A 170 3.30 25.15 23.74
CA LEU A 170 3.36 26.60 23.81
C LEU A 170 2.06 27.16 24.35
N GLU A 171 2.15 28.13 25.26
CA GLU A 171 0.97 28.82 25.72
C GLU A 171 0.11 29.35 24.59
N ASP A 172 -1.21 29.15 24.73
CA ASP A 172 -2.25 29.41 23.71
C ASP A 172 -2.29 28.34 22.63
N GLY A 173 -1.27 27.53 22.47
CA GLY A 173 -1.34 26.44 21.51
C GLY A 173 -1.46 26.95 20.07
N LEU A 174 -2.09 26.15 19.22
CA LEU A 174 -2.24 26.39 17.80
C LEU A 174 -3.59 27.01 17.43
N PHE A 175 -3.58 27.97 16.52
CA PHE A 175 -4.80 28.52 15.95
C PHE A 175 -5.19 27.69 14.70
N LYS A 176 -4.32 27.65 13.70
CA LYS A 176 -4.58 26.90 12.46
C LYS A 176 -3.30 26.27 11.94
N SER A 177 -3.47 25.22 11.13
CA SER A 177 -2.40 24.60 10.37
C SER A 177 -2.90 24.44 8.93
N TYR A 178 -2.05 24.82 7.97
CA TYR A 178 -2.34 24.71 6.55
C TYR A 178 -1.17 24.03 5.86
N LEU A 179 -1.41 22.81 5.37
CA LEU A 179 -0.36 21.97 4.79
C LEU A 179 -0.73 21.51 3.36
N PHE A 180 0.23 21.63 2.46
CA PHE A 180 0.03 21.41 1.03
C PHE A 180 0.99 20.30 0.58
N GLY A 181 0.46 19.26 -0.07
CA GLY A 181 1.29 18.16 -0.58
C GLY A 181 2.05 17.46 0.53
N LEU A 182 1.30 17.05 1.55
CA LEU A 182 1.81 16.51 2.79
C LEU A 182 2.24 15.07 2.62
N PRO A 183 3.50 14.77 2.88
CA PRO A 183 3.92 13.40 2.95
C PRO A 183 3.38 12.73 4.22
N ARG A 184 3.40 11.41 4.26
CA ARG A 184 3.19 10.72 5.54
C ARG A 184 4.34 11.09 6.53
N VAL A 185 4.01 11.22 7.81
CA VAL A 185 4.98 11.63 8.82
C VAL A 185 5.18 10.62 9.95
N GLY A 186 4.11 10.03 10.44
CA GLY A 186 4.22 9.09 11.54
C GLY A 186 3.32 7.89 11.41
N ASN A 187 3.29 7.11 12.49
CA ASN A 187 2.54 5.85 12.50
C ASN A 187 1.07 6.04 12.93
N PRO A 188 0.28 4.97 12.97
CA PRO A 188 -1.12 5.18 13.35
C PRO A 188 -1.32 5.86 14.70
N ILE A 189 -0.46 5.58 15.67
CA ILE A 189 -0.55 6.22 17.00
C ILE A 189 -0.35 7.73 16.84
N PHE A 190 0.62 8.13 16.04
CA PHE A 190 0.84 9.55 15.70
C PHE A 190 -0.40 10.17 15.03
N ALA A 191 -0.87 9.51 13.98
CA ALA A 191 -2.00 10.01 13.21
C ALA A 191 -3.26 10.20 14.04
N ASN A 192 -3.59 9.20 14.85
CA ASN A 192 -4.66 9.32 15.80
C ASN A 192 -4.48 10.47 16.79
N PHE A 193 -3.27 10.64 17.27
CA PHE A 193 -3.01 11.72 18.21
C PHE A 193 -3.12 13.10 17.57
N VAL A 194 -2.64 13.23 16.34
CA VAL A 194 -2.83 14.45 15.55
C VAL A 194 -4.31 14.79 15.45
N ASP A 195 -5.12 13.81 15.08
CA ASP A 195 -6.58 14.01 14.94
C ASP A 195 -7.14 14.48 16.28
N ARG A 196 -6.76 13.81 17.37
CA ARG A 196 -7.29 14.13 18.68
CA ARG A 196 -7.30 14.13 18.68
C ARG A 196 -6.93 15.57 19.10
N LYS A 197 -5.68 15.97 18.89
CA LYS A 197 -5.20 17.23 19.42
C LYS A 197 -5.28 18.42 18.54
N ILE A 198 -5.15 18.25 17.21
CA ILE A 198 -5.25 19.40 16.31
C ILE A 198 -6.19 19.19 15.13
N GLY A 199 -7.02 18.15 15.19
CA GLY A 199 -7.87 17.80 14.09
C GLY A 199 -8.80 18.91 13.67
N ASP A 200 -9.36 19.64 14.62
CA ASP A 200 -10.25 20.76 14.29
C ASP A 200 -9.53 22.04 13.84
N LYS A 201 -8.20 22.05 13.89
CA LYS A 201 -7.37 23.16 13.40
C LYS A 201 -6.65 22.89 12.09
N LEU A 202 -6.63 21.62 11.67
CA LEU A 202 -5.78 21.16 10.60
C LEU A 202 -6.46 21.20 9.22
N HIS A 203 -5.76 21.72 8.24
CA HIS A 203 -6.27 21.80 6.89
C HIS A 203 -5.14 21.35 6.05
N TRP A 204 -5.37 20.35 5.22
CA TRP A 204 -4.34 19.89 4.33
C TRP A 204 -4.91 19.39 3.03
N VAL A 205 -4.12 19.52 1.97
CA VAL A 205 -4.61 19.35 0.61
C VAL A 205 -3.59 18.59 -0.24
N VAL A 206 -4.09 17.71 -1.10
CA VAL A 206 -3.29 16.98 -2.06
C VAL A 206 -3.76 17.38 -3.44
N ASN A 207 -2.80 17.62 -4.33
CA ASN A 207 -3.12 18.01 -5.70
C ASN A 207 -3.02 16.78 -6.60
N GLY A 208 -4.18 16.26 -7.02
CA GLY A 208 -4.24 15.30 -8.10
C GLY A 208 -3.48 14.04 -7.77
N ARG A 209 -2.62 13.61 -8.68
CA ARG A 209 -1.89 12.36 -8.52
C ARG A 209 -0.50 12.62 -7.99
N ASP A 210 -0.32 13.68 -7.20
CA ASP A 210 0.98 13.93 -6.55
C ASP A 210 1.50 12.68 -5.85
N TRP A 211 2.71 12.24 -6.20
CA TRP A 211 3.43 11.16 -5.48
C TRP A 211 3.76 11.43 -4.02
N VAL A 212 4.00 12.68 -3.68
CA VAL A 212 4.57 12.95 -2.37
C VAL A 212 3.71 12.46 -1.21
N PRO A 213 2.38 12.68 -1.24
CA PRO A 213 1.50 12.14 -0.17
C PRO A 213 1.30 10.63 -0.20
N THR A 214 1.96 9.93 -1.12
CA THR A 214 1.99 8.45 -1.11
C THR A 214 3.23 7.92 -0.40
N VAL A 215 4.15 8.79 0.02
CA VAL A 215 5.38 8.35 0.66
C VAL A 215 5.60 9.05 2.02
N PRO A 216 6.34 8.44 2.94
CA PRO A 216 6.73 7.06 2.92
C PRO A 216 5.49 6.14 2.95
N PRO A 217 5.68 4.87 2.57
CA PRO A 217 4.58 3.95 2.38
C PRO A 217 3.95 3.47 3.65
N ARG A 218 2.70 3.07 3.50
CA ARG A 218 1.97 2.43 4.60
C ARG A 218 2.65 1.15 5.04
N ALA A 219 3.28 0.46 4.09
CA ALA A 219 4.02 -0.77 4.39
C ALA A 219 5.23 -0.58 5.32
N LEU A 220 5.72 0.65 5.45
CA LEU A 220 6.75 0.97 6.46
C LEU A 220 6.12 1.43 7.78
N GLY A 221 4.80 1.48 7.86
CA GLY A 221 4.09 1.72 9.09
C GLY A 221 3.52 3.12 9.21
N TYR A 222 3.59 3.92 8.14
CA TYR A 222 3.18 5.31 8.17
C TYR A 222 1.69 5.41 7.81
N GLN A 223 1.04 6.39 8.41
CA GLN A 223 -0.41 6.63 8.30
C GLN A 223 -0.65 8.13 8.30
N HIS A 224 -1.46 8.60 7.37
CA HIS A 224 -1.91 10.00 7.35
C HIS A 224 -2.96 10.27 8.47
N PRO A 225 -3.02 11.52 8.95
CA PRO A 225 -4.11 11.94 9.80
C PRO A 225 -5.41 12.07 8.96
N SER A 226 -6.51 12.44 9.60
CA SER A 226 -7.80 12.55 8.92
C SER A 226 -7.95 13.76 8.04
N ASN A 227 -8.86 13.62 7.07
CA ASN A 227 -9.60 14.73 6.43
C ASN A 227 -8.77 15.59 5.47
N TYR A 228 -8.36 15.05 4.35
CA TYR A 228 -7.62 15.81 3.37
C TYR A 228 -8.56 16.32 2.34
N VAL A 229 -8.24 17.52 1.82
CA VAL A 229 -8.87 17.98 0.60
C VAL A 229 -8.11 17.40 -0.58
N TRP A 230 -8.83 16.87 -1.57
CA TRP A 230 -8.23 16.36 -2.79
C TRP A 230 -8.67 17.23 -3.95
N ILE A 231 -7.70 17.86 -4.61
CA ILE A 231 -7.97 18.62 -5.82
C ILE A 231 -7.80 17.61 -6.95
N TYR A 232 -8.89 17.29 -7.65
CA TYR A 232 -8.83 16.31 -8.72
C TYR A 232 -9.81 16.67 -9.82
N PRO A 233 -9.34 16.85 -11.07
CA PRO A 233 -7.92 16.67 -11.44
C PRO A 233 -7.01 17.73 -10.83
N ALA A 234 -5.71 17.50 -10.95
CA ALA A 234 -4.73 18.45 -10.43
C ALA A 234 -4.93 19.83 -11.05
N ASN A 235 -4.74 20.87 -10.22
CA ASN A 235 -4.82 22.29 -10.61
C ASN A 235 -6.21 22.82 -10.93
N SER A 236 -7.25 22.01 -10.76
CA SER A 236 -8.64 22.39 -11.06
C SER A 236 -9.32 22.98 -9.82
N THR A 237 -10.57 23.42 -10.01
CA THR A 237 -11.43 23.90 -8.93
C THR A 237 -12.37 22.81 -8.41
N ASN A 238 -12.12 21.56 -8.82
CA ASN A 238 -12.87 20.40 -8.30
C ASN A 238 -12.11 19.83 -7.09
N TRP A 239 -12.61 20.19 -5.92
CA TRP A 239 -12.04 19.77 -4.68
C TRP A 239 -13.12 19.23 -3.75
N LYS A 240 -12.79 18.16 -3.04
CA LYS A 240 -13.66 17.59 -2.03
C LYS A 240 -12.84 17.18 -0.81
N LEU A 241 -13.50 17.06 0.32
CA LEU A 241 -12.87 16.62 1.56
C LEU A 241 -13.13 15.12 1.70
N TYR A 242 -12.09 14.39 2.08
CA TYR A 242 -12.11 12.93 2.24
C TYR A 242 -11.97 12.59 3.72
N PRO A 243 -13.09 12.30 4.40
CA PRO A 243 -13.08 12.14 5.87
C PRO A 243 -12.34 10.93 6.38
N GLY A 244 -11.90 11.03 7.62
CA GLY A 244 -11.20 9.94 8.28
C GLY A 244 -9.81 9.81 7.71
N GLN A 245 -9.14 8.71 8.03
CA GLN A 245 -7.78 8.47 7.58
C GLN A 245 -7.75 7.55 6.38
N GLU A 246 -6.83 7.89 5.45
CA GLU A 246 -6.49 7.05 4.29
C GLU A 246 -7.74 6.60 3.57
N ASN A 247 -8.61 7.57 3.27
CA ASN A 247 -9.89 7.28 2.70
C ASN A 247 -9.79 6.45 1.42
N VAL A 248 -10.53 5.34 1.41
CA VAL A 248 -10.41 4.41 0.30
C VAL A 248 -11.00 4.96 -0.98
N HIS A 249 -11.87 5.97 -0.90
CA HIS A 249 -12.46 6.54 -2.10
C HIS A 249 -11.58 7.62 -2.71
N GLY A 250 -10.46 7.96 -2.08
CA GLY A 250 -9.66 9.09 -2.53
C GLY A 250 -8.40 8.63 -3.20
N MET A 251 -7.29 9.16 -2.71
CA MET A 251 -5.94 8.95 -3.25
C MET A 251 -5.64 7.51 -3.52
N LEU A 252 -6.07 6.67 -2.59
CA LEU A 252 -5.85 5.25 -2.73
C LEU A 252 -6.45 4.72 -4.04
N THR A 253 -7.55 5.30 -4.53
CA THR A 253 -8.12 4.92 -5.85
C THR A 253 -7.22 5.17 -7.07
N VAL A 254 -6.21 6.01 -6.93
CA VAL A 254 -5.16 6.13 -7.96
C VAL A 254 -3.89 5.57 -7.37
N ALA A 255 -4.07 4.43 -6.65
CA ALA A 255 -2.99 3.61 -6.05
C ALA A 255 -1.96 3.32 -7.15
N ARG A 256 -0.73 3.85 -6.93
CA ARG A 256 0.43 3.50 -7.72
C ARG A 256 0.42 4.10 -9.14
N GLU A 257 -0.50 5.03 -9.42
CA GLU A 257 -0.53 5.70 -10.73
C GLU A 257 -0.30 7.20 -10.52
N PHE A 258 0.76 7.47 -9.75
CA PHE A 258 1.17 8.83 -9.37
C PHE A 258 2.01 9.46 -10.46
N ASN A 259 2.34 10.73 -10.29
CA ASN A 259 3.34 11.37 -11.11
C ASN A 259 4.12 12.38 -10.27
N PHE A 260 5.22 12.85 -10.83
CA PHE A 260 6.10 13.72 -10.13
C PHE A 260 5.85 15.19 -10.46
N ASP A 261 4.76 15.50 -11.17
CA ASP A 261 4.49 16.87 -11.64
C ASP A 261 3.38 17.62 -10.87
N ASP A 262 2.45 16.88 -10.24
CA ASP A 262 1.31 17.55 -9.58
C ASP A 262 1.66 18.13 -8.22
N HIS A 263 2.83 17.77 -7.70
CA HIS A 263 3.32 18.35 -6.45
C HIS A 263 3.33 19.88 -6.47
N GLU A 264 3.76 20.44 -7.60
CA GLU A 264 3.73 21.88 -7.84
C GLU A 264 2.54 22.22 -8.69
N GLY A 265 1.83 23.28 -8.38
CA GLY A 265 0.63 23.61 -9.16
C GLY A 265 -0.27 24.64 -8.53
N ILE A 266 -1.54 24.58 -8.91
CA ILE A 266 -2.52 25.56 -8.50
C ILE A 266 -3.38 24.99 -7.36
N TYR A 267 -3.25 25.60 -6.20
CA TYR A 267 -3.98 25.22 -5.00
C TYR A 267 -4.86 26.38 -4.63
N PHE A 268 -6.19 26.23 -4.80
CA PHE A 268 -7.19 27.27 -4.45
C PHE A 268 -6.87 28.63 -5.08
N HIS A 269 -6.62 28.58 -6.38
CA HIS A 269 -6.28 29.73 -7.22
C HIS A 269 -4.89 30.33 -7.03
N THR A 270 -4.02 29.80 -6.16
CA THR A 270 -2.66 30.36 -6.05
C THR A 270 -1.61 29.32 -6.33
N GLN A 271 -0.53 29.75 -6.97
CA GLN A 271 0.55 28.86 -7.37
C GLN A 271 1.46 28.51 -6.20
N ILE A 272 1.79 27.23 -6.09
CA ILE A 272 2.81 26.79 -5.17
C ILE A 272 3.76 25.83 -5.86
N GLY A 273 5.05 26.04 -5.66
CA GLY A 273 6.11 25.12 -6.09
C GLY A 273 7.43 25.85 -6.31
N ALA A 274 8.53 25.19 -5.93
CA ALA A 274 9.90 25.75 -5.97
C ALA A 274 10.33 26.26 -7.33
N SER A 275 9.91 25.60 -8.41
CA SER A 275 10.23 26.10 -9.73
C SER A 275 9.04 26.73 -10.46
N LEU A 276 8.03 27.24 -9.75
CA LEU A 276 6.77 27.63 -10.40
C LEU A 276 6.23 29.01 -10.03
N GLY A 277 6.52 29.51 -8.84
CA GLY A 277 5.94 30.78 -8.42
C GLY A 277 6.60 32.01 -9.01
N LYS A 278 6.26 33.14 -8.41
CA LYS A 278 6.99 34.37 -8.59
C LYS A 278 7.73 34.62 -7.26
N CYS A 279 8.74 35.49 -7.30
CA CYS A 279 9.32 36.03 -6.07
C CYS A 279 9.30 37.56 -6.19
N PRO A 280 8.63 38.30 -5.31
CA PRO A 280 7.73 37.77 -4.28
C PRO A 280 6.52 37.02 -4.83
N ALA A 281 5.99 36.14 -4.00
CA ALA A 281 4.88 35.25 -4.39
C ALA A 281 3.61 36.08 -4.57
N VAL A 282 2.74 35.58 -5.43
CA VAL A 282 1.52 36.24 -5.79
C VAL A 282 0.35 35.46 -5.20
N LEU A 283 -0.57 36.21 -4.58
CA LEU A 283 -1.80 35.61 -4.03
C LEU A 283 -2.87 35.59 -5.14
N GLY A 284 -3.41 34.40 -5.39
CA GLY A 284 -4.48 34.17 -6.35
C GLY A 284 -4.03 34.34 -7.77
N GLY A 285 -4.99 34.55 -8.66
CA GLY A 285 -4.71 34.86 -10.06
C GLY A 285 -4.86 33.70 -11.01
N TYR A 286 -4.98 32.49 -10.48
CA TYR A 286 -4.92 31.27 -11.30
C TYR A 286 -6.12 30.38 -11.00
N GLY B 1 15.38 0.23 2.58
CA GLY B 1 16.50 0.56 1.65
C GLY B 1 16.08 1.70 0.75
N ALA B 2 15.44 1.36 -0.37
CA ALA B 2 14.92 2.35 -1.33
C ALA B 2 13.41 2.16 -1.62
N LEU B 3 12.73 3.28 -1.90
CA LEU B 3 11.32 3.31 -2.27
C LEU B 3 11.15 2.87 -3.72
N ILE B 4 10.21 1.97 -3.95
CA ILE B 4 9.88 1.56 -5.31
C ILE B 4 9.07 2.70 -5.97
N GLU B 5 9.61 3.32 -6.99
CA GLU B 5 8.94 4.45 -7.65
C GLU B 5 8.22 4.00 -8.93
N HIS B 6 8.29 2.72 -9.28
CA HIS B 6 7.52 2.23 -10.44
C HIS B 6 5.99 2.29 -10.17
N HIS B 7 5.28 2.62 -11.23
CA HIS B 7 3.85 2.71 -11.22
C HIS B 7 3.35 1.25 -11.24
N ALA B 8 2.05 1.06 -11.09
CA ALA B 8 1.43 -0.22 -11.34
C ALA B 8 -0.05 0.06 -11.47
N ALA B 9 -0.78 -0.83 -12.15
CA ALA B 9 -2.20 -0.61 -12.40
C ALA B 9 -2.99 -0.87 -11.12
N SER B 10 -4.06 -0.11 -10.92
CA SER B 10 -5.06 -0.43 -9.96
C SER B 10 -6.40 -0.25 -10.67
N SER B 11 -7.07 -1.36 -11.00
CA SER B 11 -8.28 -1.29 -11.79
C SER B 11 -9.41 -0.61 -11.04
N THR B 12 -10.20 0.16 -11.78
CA THR B 12 -11.42 0.81 -11.29
C THR B 12 -12.67 0.13 -11.82
N ASP B 13 -12.54 -0.97 -12.54
CA ASP B 13 -13.69 -1.71 -13.04
C ASP B 13 -14.64 -2.21 -11.94
N GLN B 14 -15.91 -2.15 -12.25
CA GLN B 14 -16.97 -2.60 -11.37
C GLN B 14 -16.87 -4.11 -11.18
N PRO B 15 -17.08 -4.60 -9.95
CA PRO B 15 -17.14 -6.04 -9.74
C PRO B 15 -18.30 -6.67 -10.53
N VAL B 16 -18.05 -7.87 -11.04
CA VAL B 16 -18.99 -8.64 -11.82
C VAL B 16 -19.36 -9.93 -11.09
N ASP B 17 -20.42 -10.57 -11.54
CA ASP B 17 -20.76 -11.92 -11.09
C ASP B 17 -19.67 -12.90 -11.51
N VAL B 18 -19.48 -13.91 -10.67
CA VAL B 18 -18.44 -14.90 -10.90
C VAL B 18 -18.96 -15.75 -12.06
N PRO B 19 -18.20 -15.84 -13.17
CA PRO B 19 -18.69 -16.54 -14.35
C PRO B 19 -18.28 -18.02 -14.42
N TYR B 20 -17.44 -18.47 -13.50
CA TYR B 20 -16.81 -19.76 -13.59
C TYR B 20 -17.73 -20.91 -13.22
N ASN B 21 -17.38 -22.08 -13.71
CA ASN B 21 -17.96 -23.32 -13.23
C ASN B 21 -17.52 -23.57 -11.78
N LEU B 22 -18.44 -23.42 -10.84
CA LEU B 22 -18.08 -23.60 -9.41
C LEU B 22 -18.02 -25.04 -8.97
N ASP B 23 -18.55 -25.98 -9.76
CA ASP B 23 -18.29 -27.38 -9.48
C ASP B 23 -16.81 -27.67 -9.64
N MET B 24 -16.21 -27.17 -10.71
CA MET B 24 -14.78 -27.34 -10.94
C MET B 24 -13.94 -26.61 -9.89
N PHE B 25 -14.32 -25.38 -9.53
CA PHE B 25 -13.62 -24.64 -8.49
C PHE B 25 -13.67 -25.41 -7.17
N SER B 26 -14.81 -26.00 -6.86
CA SER B 26 -14.99 -26.83 -5.66
C SER B 26 -14.16 -28.11 -5.68
N GLN B 27 -14.15 -28.76 -6.83
CA GLN B 27 -13.31 -29.90 -7.02
C GLN B 27 -11.87 -29.55 -6.78
N ALA B 28 -11.41 -28.38 -7.23
CA ALA B 28 -10.06 -27.95 -6.95
C ALA B 28 -9.81 -27.73 -5.45
N ALA B 29 -10.80 -27.15 -4.81
CA ALA B 29 -10.80 -26.88 -3.39
C ALA B 29 -10.54 -28.14 -2.56
N VAL B 30 -11.23 -29.24 -2.86
CA VAL B 30 -11.02 -30.44 -2.04
C VAL B 30 -9.59 -31.00 -2.24
N LEU B 31 -9.03 -30.83 -3.45
CA LEU B 31 -7.64 -31.25 -3.70
C LEU B 31 -6.66 -30.35 -3.00
N ALA B 32 -6.95 -29.06 -2.98
CA ALA B 32 -6.09 -28.13 -2.24
C ALA B 32 -6.03 -28.56 -0.77
N GLN B 33 -7.16 -28.94 -0.24
CA GLN B 33 -7.23 -29.38 1.18
C GLN B 33 -6.46 -30.66 1.41
N GLU B 34 -6.57 -31.61 0.48
CA GLU B 34 -5.97 -32.93 0.66
C GLU B 34 -4.43 -32.86 0.78
N THR B 35 -3.82 -31.80 0.23
CA THR B 35 -2.41 -31.55 0.42
C THR B 35 -1.97 -31.47 1.89
N TYR B 36 -2.88 -31.15 2.80
CA TYR B 36 -2.57 -31.09 4.25
C TYR B 36 -2.71 -32.44 5.00
N CYS B 37 -3.14 -33.47 4.31
CA CYS B 37 -3.36 -34.79 4.87
C CYS B 37 -2.10 -35.65 4.73
N GLY B 38 -1.30 -35.68 5.78
CA GLY B 38 -0.05 -36.45 5.76
C GLY B 38 -0.17 -37.98 5.76
N GLU B 39 -1.06 -38.53 6.56
CA GLU B 39 -1.23 -39.98 6.66
C GLU B 39 -1.78 -40.60 5.38
N GLN B 40 -2.52 -39.81 4.59
CA GLN B 40 -3.15 -40.26 3.38
C GLN B 40 -2.30 -39.94 2.16
N ALA B 41 -1.07 -39.46 2.40
CA ALA B 41 -0.24 -38.86 1.32
C ALA B 41 0.10 -39.84 0.20
N HIS B 42 0.40 -41.08 0.57
CA HIS B 42 0.70 -42.16 -0.38
C HIS B 42 -0.41 -43.21 -0.49
N ASP B 43 -1.64 -42.83 -0.14
CA ASP B 43 -2.82 -43.67 -0.33
C ASP B 43 -3.23 -43.67 -1.83
N TYR B 44 -2.39 -44.16 -2.72
CA TYR B 44 -2.68 -44.10 -4.16
C TYR B 44 -3.95 -44.90 -4.45
N GLY B 45 -4.82 -44.33 -5.27
CA GLY B 45 -6.15 -44.86 -5.53
C GLY B 45 -7.24 -44.08 -4.85
N LEU B 46 -6.90 -43.36 -3.77
CA LEU B 46 -7.88 -42.57 -3.06
C LEU B 46 -8.55 -41.64 -4.03
N LYS B 47 -9.88 -41.54 -3.95
CA LYS B 47 -10.65 -40.68 -4.85
C LYS B 47 -11.37 -39.58 -4.05
N LEU B 48 -11.22 -38.34 -4.51
CA LEU B 48 -11.86 -37.18 -3.90
C LEU B 48 -12.62 -36.50 -5.01
N GLY B 49 -13.94 -36.57 -4.94
CA GLY B 49 -14.82 -36.16 -6.05
C GLY B 49 -14.50 -37.01 -7.26
N ASP B 50 -14.06 -36.36 -8.33
CA ASP B 50 -13.78 -37.04 -9.57
C ASP B 50 -12.30 -37.36 -9.79
N ALA B 51 -11.49 -37.24 -8.75
CA ALA B 51 -10.02 -37.20 -8.90
C ALA B 51 -9.40 -38.34 -8.09
N THR B 52 -8.56 -39.14 -8.76
CA THR B 52 -7.94 -40.30 -8.17
C THR B 52 -6.46 -40.04 -7.98
N LEU B 53 -5.97 -40.26 -6.77
CA LEU B 53 -4.59 -39.96 -6.42
C LEU B 53 -3.63 -40.97 -7.07
N LEU B 54 -2.63 -40.46 -7.80
CA LEU B 54 -1.65 -41.30 -8.50
C LEU B 54 -0.23 -41.25 -7.91
N TRP B 55 0.13 -40.11 -7.34
CA TRP B 55 1.53 -39.85 -7.00
C TRP B 55 1.63 -38.66 -6.04
N THR B 56 2.61 -38.74 -5.15
CA THR B 56 2.88 -37.70 -4.19
C THR B 56 4.37 -37.56 -3.98
N ALA B 57 4.87 -36.34 -3.87
CA ALA B 57 6.22 -36.12 -3.34
C ALA B 57 6.18 -35.01 -2.32
N GLY B 58 7.29 -34.81 -1.61
CA GLY B 58 7.36 -33.82 -0.53
C GLY B 58 6.65 -34.23 0.74
N ASP B 59 6.91 -33.50 1.83
CA ASP B 59 6.31 -33.79 3.14
C ASP B 59 5.96 -32.57 3.99
N GLY B 60 6.04 -31.38 3.44
CA GLY B 60 5.79 -30.17 4.20
C GLY B 60 6.92 -29.77 5.12
N ASN B 61 8.05 -30.46 5.07
CA ASN B 61 9.15 -30.11 5.96
C ASN B 61 10.23 -29.54 5.05
N VAL B 62 10.99 -30.38 4.37
CA VAL B 62 12.01 -29.89 3.46
C VAL B 62 11.37 -29.28 2.19
N ARG B 63 10.32 -29.92 1.68
CA ARG B 63 9.63 -29.51 0.49
C ARG B 63 8.15 -29.60 0.75
N GLN B 64 7.37 -28.72 0.12
CA GLN B 64 5.92 -28.85 0.17
C GLN B 64 5.44 -30.17 -0.44
N ARG B 65 4.43 -30.77 0.21
CA ARG B 65 3.76 -31.94 -0.34
C ARG B 65 3.08 -31.56 -1.66
N VAL B 66 3.23 -32.40 -2.66
CA VAL B 66 2.47 -32.25 -3.92
C VAL B 66 1.74 -33.57 -4.21
N ASN B 67 0.45 -33.46 -4.55
CA ASN B 67 -0.40 -34.64 -4.84
C ASN B 67 -0.83 -34.52 -6.30
N LEU B 68 -0.76 -35.62 -7.02
CA LEU B 68 -1.08 -35.62 -8.44
C LEU B 68 -2.19 -36.66 -8.67
N TYR B 69 -3.23 -36.22 -9.39
CA TYR B 69 -4.45 -36.95 -9.62
C TYR B 69 -4.72 -37.09 -11.13
N GLN B 70 -5.49 -38.12 -11.48
CA GLN B 70 -6.31 -38.09 -12.68
C GLN B 70 -7.73 -37.69 -12.26
N SER B 71 -8.23 -36.65 -12.90
CA SER B 71 -9.56 -36.07 -12.64
C SER B 71 -10.31 -35.99 -13.96
N ASP B 72 -11.57 -36.44 -13.94
CA ASP B 72 -12.41 -36.38 -15.13
C ASP B 72 -12.52 -34.95 -15.66
N SER B 73 -12.71 -33.98 -14.78
CA SER B 73 -12.98 -32.60 -15.15
C SER B 73 -11.72 -31.74 -15.30
N LEU B 74 -10.65 -32.11 -14.60
CA LEU B 74 -9.42 -31.32 -14.53
C LEU B 74 -8.20 -31.94 -15.19
N GLY B 75 -8.29 -33.20 -15.62
CA GLY B 75 -7.14 -33.85 -16.25
C GLY B 75 -6.11 -34.28 -15.21
N ILE B 76 -4.83 -34.17 -15.56
CA ILE B 76 -3.74 -34.43 -14.62
C ILE B 76 -3.67 -33.21 -13.70
N ALA B 77 -4.12 -33.37 -12.44
CA ALA B 77 -4.23 -32.28 -11.48
C ALA B 77 -3.13 -32.38 -10.45
N VAL B 78 -2.40 -31.28 -10.30
CA VAL B 78 -1.24 -31.16 -9.44
C VAL B 78 -1.62 -30.14 -8.36
N ALA B 79 -1.73 -30.62 -7.13
CA ALA B 79 -2.15 -29.79 -5.97
C ALA B 79 -0.93 -29.66 -5.05
N ILE B 80 -0.60 -28.42 -4.67
CA ILE B 80 0.56 -28.18 -3.84
C ILE B 80 0.18 -27.69 -2.45
N GLN B 81 0.87 -28.23 -1.46
CA GLN B 81 0.56 -27.95 -0.04
C GLN B 81 0.86 -26.51 0.33
N GLY B 82 -0.04 -25.90 1.09
CA GLY B 82 0.20 -24.60 1.66
C GLY B 82 0.75 -24.64 3.07
N THR B 83 0.38 -23.63 3.84
CA THR B 83 0.88 -23.52 5.22
C THR B 83 -0.16 -22.72 5.96
N ASN B 84 0.19 -22.20 7.13
CA ASN B 84 -0.74 -21.45 7.93
C ASN B 84 -0.22 -20.03 8.08
N THR B 85 -1.09 -19.12 8.52
CA THR B 85 -0.67 -17.73 8.70
C THR B 85 0.45 -17.52 9.68
N SER B 86 0.56 -18.31 10.77
CA SER B 86 1.68 -18.10 11.71
C SER B 86 3.01 -18.51 11.09
N SER B 87 3.05 -19.55 10.25
CA SER B 87 4.30 -19.86 9.52
C SER B 87 4.66 -18.72 8.57
N LEU B 88 3.68 -18.20 7.83
CA LEU B 88 4.01 -17.13 6.88
C LEU B 88 4.46 -15.85 7.62
N ARG B 89 3.84 -15.56 8.76
CA ARG B 89 4.26 -14.43 9.54
C ARG B 89 5.70 -14.58 10.03
N SER B 90 6.12 -15.81 10.34
CA SER B 90 7.49 -16.06 10.83
C SER B 90 8.51 -16.08 9.74
N ASP B 91 8.15 -16.63 8.60
CA ASP B 91 9.13 -16.89 7.55
C ASP B 91 9.33 -15.75 6.56
N LEU B 92 8.33 -14.91 6.35
CA LEU B 92 8.41 -13.85 5.34
C LEU B 92 9.22 -12.66 5.83
N HIS B 93 10.53 -12.82 5.88
CA HIS B 93 11.40 -11.70 6.23
C HIS B 93 12.67 -11.80 5.40
N ASP B 94 13.38 -10.67 5.31
CA ASP B 94 14.72 -10.60 4.78
C ASP B 94 14.86 -11.24 3.37
N ALA B 95 15.69 -12.27 3.25
CA ALA B 95 16.07 -12.80 1.96
C ALA B 95 14.87 -13.36 1.19
N GLN B 96 13.93 -13.94 1.94
CA GLN B 96 12.65 -14.43 1.40
C GLN B 96 11.91 -13.46 0.51
N LEU B 97 11.89 -12.19 0.94
CA LEU B 97 11.11 -11.13 0.31
C LEU B 97 11.72 -10.53 -0.95
N ARG B 98 13.01 -10.84 -1.18
CA ARG B 98 13.79 -10.26 -2.31
C ARG B 98 13.15 -10.58 -3.66
N PRO B 99 12.94 -9.53 -4.49
CA PRO B 99 12.44 -9.83 -5.82
C PRO B 99 13.59 -10.26 -6.69
N VAL B 100 13.55 -11.48 -7.23
CA VAL B 100 14.68 -12.09 -7.95
C VAL B 100 14.32 -12.46 -9.38
N ASP B 101 15.34 -12.73 -10.18
CA ASP B 101 15.11 -13.12 -11.57
C ASP B 101 14.47 -14.51 -11.62
N PRO B 102 13.74 -14.78 -12.71
CA PRO B 102 13.20 -16.12 -12.86
C PRO B 102 14.32 -17.15 -12.94
N ASP B 103 14.08 -18.31 -12.34
CA ASP B 103 14.96 -19.46 -12.40
C ASP B 103 15.33 -19.76 -13.86
N SER B 104 16.53 -20.27 -14.09
CA SER B 104 17.02 -20.46 -15.42
C SER B 104 16.26 -21.48 -16.25
N ARG B 105 15.49 -22.36 -15.61
CA ARG B 105 14.76 -23.38 -16.33
C ARG B 105 13.73 -22.70 -17.21
N TYR B 106 13.18 -21.57 -16.76
CA TYR B 106 12.19 -20.85 -17.54
C TYR B 106 12.51 -19.39 -17.80
N ARG B 107 13.67 -18.89 -17.40
CA ARG B 107 13.95 -17.47 -17.56
C ARG B 107 13.73 -17.00 -19.01
N ARG B 108 14.20 -17.77 -19.98
CA ARG B 108 14.13 -17.30 -21.37
C ARG B 108 12.72 -17.15 -21.96
N PHE B 109 11.71 -17.73 -21.32
CA PHE B 109 10.34 -17.59 -21.79
C PHE B 109 9.65 -16.34 -21.26
N LEU B 110 10.24 -15.69 -20.25
CA LEU B 110 9.59 -14.55 -19.60
C LEU B 110 10.26 -13.23 -19.98
N PRO B 111 9.50 -12.11 -19.95
CA PRO B 111 10.12 -10.83 -20.25
C PRO B 111 11.34 -10.51 -19.38
N GLN B 112 12.26 -9.75 -19.94
CA GLN B 112 13.34 -9.16 -19.14
C GLN B 112 12.69 -8.23 -18.11
N GLY B 113 13.32 -8.13 -16.96
CA GLY B 113 12.75 -7.35 -15.86
C GLY B 113 11.71 -8.08 -15.04
N THR B 114 11.31 -9.30 -15.42
CA THR B 114 10.45 -10.12 -14.57
C THR B 114 11.13 -10.41 -13.23
N LYS B 115 10.43 -10.16 -12.12
CA LYS B 115 10.90 -10.56 -10.80
C LYS B 115 9.78 -11.29 -10.06
N VAL B 116 10.21 -12.28 -9.28
CA VAL B 116 9.34 -13.06 -8.40
C VAL B 116 9.92 -13.12 -7.01
N MET B 117 9.07 -13.41 -6.02
CA MET B 117 9.54 -13.43 -4.63
C MET B 117 10.42 -14.65 -4.40
N ASN B 118 11.61 -14.40 -3.88
CA ASN B 118 12.62 -15.42 -3.67
C ASN B 118 12.13 -16.68 -2.92
N GLY B 119 11.48 -16.55 -1.78
CA GLY B 119 11.05 -17.73 -1.03
C GLY B 119 9.96 -18.56 -1.73
N PHE B 120 9.12 -17.90 -2.51
CA PHE B 120 8.12 -18.65 -3.24
C PHE B 120 8.74 -19.40 -4.41
N GLN B 121 9.65 -18.76 -5.12
CA GLN B 121 10.29 -19.43 -6.25
C GLN B 121 11.11 -20.61 -5.81
N LYS B 122 11.79 -20.45 -4.69
CA LYS B 122 12.52 -21.52 -4.05
C LYS B 122 11.62 -22.72 -3.72
N GLY B 123 10.43 -22.48 -3.18
CA GLY B 123 9.46 -23.55 -2.94
C GLY B 123 9.12 -24.33 -4.20
N TYR B 124 9.03 -23.61 -5.31
CA TYR B 124 8.76 -24.22 -6.61
C TYR B 124 9.95 -24.95 -7.16
N THR B 125 11.12 -24.31 -7.17
CA THR B 125 12.30 -24.94 -7.80
C THR B 125 12.78 -26.20 -7.06
N ASP B 126 12.48 -26.28 -5.79
CA ASP B 126 12.69 -27.53 -5.04
C ASP B 126 11.78 -28.69 -5.48
N LEU B 127 10.64 -28.42 -6.13
CA LEU B 127 9.73 -29.48 -6.59
C LEU B 127 9.63 -29.67 -8.11
N VAL B 128 10.10 -28.68 -8.88
CA VAL B 128 9.69 -28.54 -10.29
C VAL B 128 10.10 -29.72 -11.13
N ASP B 129 11.29 -30.26 -10.91
CA ASP B 129 11.78 -31.38 -11.76
C ASP B 129 10.97 -32.64 -11.51
N ASP B 130 10.67 -32.97 -10.25
CA ASP B 130 9.81 -34.11 -9.96
C ASP B 130 8.38 -33.88 -10.50
N ILE B 131 7.88 -32.65 -10.44
CA ILE B 131 6.52 -32.37 -10.93
C ILE B 131 6.48 -32.60 -12.42
N PHE B 132 7.40 -31.97 -13.16
CA PHE B 132 7.47 -32.15 -14.61
C PHE B 132 7.62 -33.66 -15.03
N ASP B 133 8.55 -34.36 -14.40
CA ASP B 133 8.74 -35.80 -14.66
C ASP B 133 7.42 -36.57 -14.52
N HIS B 134 6.70 -36.34 -13.41
CA HIS B 134 5.50 -37.11 -13.11
C HIS B 134 4.25 -36.64 -13.85
N VAL B 135 4.13 -35.35 -14.13
CA VAL B 135 3.12 -34.88 -15.05
C VAL B 135 3.28 -35.59 -16.41
N LYS B 136 4.49 -35.60 -16.95
CA LYS B 136 4.70 -36.21 -18.27
C LYS B 136 4.33 -37.70 -18.23
N LYS B 137 4.81 -38.37 -17.19
CA LYS B 137 4.56 -39.80 -17.02
C LYS B 137 3.06 -40.06 -17.00
N PHE B 138 2.30 -39.37 -16.16
CA PHE B 138 0.86 -39.68 -16.02
C PHE B 138 -0.03 -39.17 -17.14
N LYS B 139 0.41 -38.09 -17.80
CA LYS B 139 -0.20 -37.67 -19.05
C LYS B 139 -0.13 -38.80 -20.07
N GLN B 140 1.05 -39.41 -20.19
CA GLN B 140 1.26 -40.54 -21.10
C GLN B 140 0.48 -41.78 -20.65
N GLU B 141 0.60 -42.21 -19.39
CA GLU B 141 -0.18 -43.38 -18.91
C GLU B 141 -1.68 -43.22 -19.01
N LYS B 142 -2.23 -42.03 -18.73
CA LYS B 142 -3.67 -41.83 -18.79
C LYS B 142 -4.16 -41.29 -20.13
N ASN B 143 -3.27 -41.09 -21.08
CA ASN B 143 -3.62 -40.50 -22.34
C ASN B 143 -4.43 -39.22 -22.16
N GLU B 144 -3.80 -38.29 -21.44
CA GLU B 144 -4.47 -37.10 -20.94
C GLU B 144 -3.59 -35.92 -21.28
N SER B 145 -4.12 -34.98 -22.03
CA SER B 145 -3.39 -33.79 -22.41
C SER B 145 -3.65 -32.59 -21.45
N ARG B 146 -4.70 -32.65 -20.63
CA ARG B 146 -5.06 -31.54 -19.72
C ARG B 146 -4.27 -31.61 -18.42
N VAL B 147 -3.71 -30.48 -18.00
CA VAL B 147 -2.96 -30.34 -16.74
C VAL B 147 -3.54 -29.17 -16.00
N THR B 148 -3.93 -29.43 -14.73
CA THR B 148 -4.45 -28.40 -13.85
C THR B 148 -3.53 -28.24 -12.67
N VAL B 149 -3.23 -27.00 -12.27
CA VAL B 149 -2.43 -26.75 -11.10
C VAL B 149 -3.33 -26.12 -10.05
N ILE B 150 -3.17 -26.56 -8.80
CA ILE B 150 -4.06 -26.16 -7.70
C ILE B 150 -3.20 -25.87 -6.49
N GLY B 151 -3.59 -24.87 -5.71
CA GLY B 151 -2.95 -24.69 -4.44
C GLY B 151 -3.60 -23.63 -3.58
N HIS B 152 -3.52 -23.85 -2.28
CA HIS B 152 -3.86 -22.88 -1.24
C HIS B 152 -2.60 -22.32 -0.61
N SER B 153 -2.62 -21.03 -0.33
CA SER B 153 -1.61 -20.44 0.60
C SER B 153 -0.24 -20.40 -0.08
N LEU B 154 0.83 -20.78 0.61
CA LEU B 154 2.14 -20.95 -0.03
C LEU B 154 2.01 -21.80 -1.31
N GLY B 155 1.14 -22.80 -1.23
CA GLY B 155 0.78 -23.63 -2.38
C GLY B 155 0.23 -22.89 -3.59
N ALA B 156 -0.54 -21.84 -3.33
CA ALA B 156 -1.04 -21.00 -4.38
C ALA B 156 0.07 -20.19 -5.04
N ALA B 157 1.01 -19.73 -4.21
CA ALA B 157 2.16 -18.97 -4.70
C ALA B 157 3.03 -19.86 -5.56
N ILE B 158 3.37 -21.04 -5.03
CA ILE B 158 4.10 -22.04 -5.85
C ILE B 158 3.28 -22.41 -7.11
N GLY B 159 1.98 -22.60 -6.93
CA GLY B 159 1.06 -22.88 -7.99
C GLY B 159 1.04 -21.89 -9.13
N LEU B 160 1.14 -20.61 -8.81
CA LEU B 160 1.12 -19.60 -9.87
C LEU B 160 2.34 -19.76 -10.76
N LEU B 161 3.50 -19.93 -10.13
CA LEU B 161 4.72 -20.19 -10.87
C LEU B 161 4.63 -21.48 -11.71
N ALA B 162 4.16 -22.57 -11.10
CA ALA B 162 3.99 -23.83 -11.82
C ALA B 162 3.01 -23.70 -12.97
N SER B 163 1.92 -22.97 -12.78
CA SER B 163 0.91 -22.78 -13.83
C SER B 163 1.50 -22.06 -15.07
N LEU B 164 2.22 -20.96 -14.82
CA LEU B 164 2.87 -20.23 -15.91
C LEU B 164 3.96 -21.09 -16.59
N ASP B 165 4.76 -21.76 -15.77
CA ASP B 165 5.86 -22.56 -16.27
C ASP B 165 5.39 -23.76 -17.12
N ILE B 166 4.46 -24.50 -16.56
CA ILE B 166 3.84 -25.58 -17.29
C ILE B 166 3.27 -25.05 -18.61
N ASN B 167 2.57 -23.93 -18.59
CA ASN B 167 2.05 -23.42 -19.81
C ASN B 167 3.11 -23.05 -20.85
N LEU B 168 4.30 -22.65 -20.42
CA LEU B 168 5.33 -22.22 -21.34
C LEU B 168 6.30 -23.33 -21.78
N ARG B 169 6.52 -24.34 -20.93
CA ARG B 169 7.58 -25.31 -21.14
C ARG B 169 7.11 -26.71 -21.41
N LEU B 170 5.88 -27.05 -21.08
CA LEU B 170 5.41 -28.41 -21.28
C LEU B 170 4.49 -28.50 -22.48
N GLU B 171 4.71 -29.49 -23.35
CA GLU B 171 3.83 -29.64 -24.49
C GLU B 171 2.38 -29.78 -24.01
N ASP B 172 1.47 -29.15 -24.76
CA ASP B 172 0.06 -28.98 -24.43
C ASP B 172 -0.19 -27.86 -23.44
N GLY B 173 0.83 -27.41 -22.71
CA GLY B 173 0.63 -26.28 -21.83
C GLY B 173 -0.31 -26.59 -20.67
N LEU B 174 -0.91 -25.54 -20.13
CA LEU B 174 -1.81 -25.62 -18.99
C LEU B 174 -3.25 -25.68 -19.47
N PHE B 175 -4.09 -26.43 -18.77
CA PHE B 175 -5.52 -26.43 -18.97
C PHE B 175 -6.20 -25.42 -18.04
N LYS B 176 -6.04 -25.59 -16.73
CA LYS B 176 -6.64 -24.69 -15.74
C LYS B 176 -5.69 -24.51 -14.56
N SER B 177 -5.87 -23.38 -13.88
CA SER B 177 -5.26 -23.14 -12.60
C SER B 177 -6.29 -22.64 -11.59
N TYR B 178 -6.20 -23.14 -10.36
CA TYR B 178 -7.12 -22.84 -9.27
C TYR B 178 -6.31 -22.59 -8.02
N LEU B 179 -6.27 -21.32 -7.60
CA LEU B 179 -5.41 -20.82 -6.52
C LEU B 179 -6.29 -20.15 -5.44
N PHE B 180 -6.01 -20.48 -4.19
CA PHE B 180 -6.82 -20.08 -3.03
C PHE B 180 -5.92 -19.38 -2.03
N GLY B 181 -6.30 -18.22 -1.57
CA GLY B 181 -5.51 -17.41 -0.65
C GLY B 181 -4.10 -17.08 -1.15
N LEU B 182 -4.06 -16.57 -2.38
CA LEU B 182 -2.85 -16.29 -3.15
C LEU B 182 -2.10 -15.08 -2.62
N PRO B 183 -0.84 -15.26 -2.15
CA PRO B 183 0.03 -14.14 -1.90
C PRO B 183 0.42 -13.48 -3.19
N ARG B 184 0.92 -12.25 -3.07
CA ARG B 184 1.64 -11.69 -4.22
C ARG B 184 2.91 -12.53 -4.51
N VAL B 185 3.25 -12.64 -5.77
CA VAL B 185 4.34 -13.51 -6.24
C VAL B 185 5.40 -12.76 -7.03
N GLY B 186 5.00 -11.88 -7.93
CA GLY B 186 5.93 -11.12 -8.74
C GLY B 186 5.62 -9.65 -8.94
N ASN B 187 6.41 -9.00 -9.83
CA ASN B 187 6.29 -7.57 -10.07
C ASN B 187 5.28 -7.27 -11.20
N PRO B 188 5.11 -5.99 -11.54
CA PRO B 188 4.14 -5.70 -12.57
C PRO B 188 4.43 -6.39 -13.91
N ILE B 189 5.70 -6.51 -14.28
CA ILE B 189 6.08 -7.23 -15.51
C ILE B 189 5.57 -8.69 -15.42
N PHE B 190 5.83 -9.32 -14.29
CA PHE B 190 5.35 -10.71 -14.06
C PHE B 190 3.82 -10.80 -14.18
N ALA B 191 3.13 -9.96 -13.41
CA ALA B 191 1.66 -9.95 -13.38
C ALA B 191 1.03 -9.75 -14.76
N ASN B 192 1.51 -8.73 -15.50
CA ASN B 192 1.09 -8.57 -16.90
C ASN B 192 1.35 -9.81 -17.76
N PHE B 193 2.50 -10.44 -17.61
CA PHE B 193 2.77 -11.67 -18.32
C PHE B 193 1.85 -12.84 -17.98
N VAL B 194 1.54 -12.99 -16.69
CA VAL B 194 0.61 -13.99 -16.24
C VAL B 194 -0.72 -13.81 -16.94
N ASP B 195 -1.20 -12.56 -16.98
CA ASP B 195 -2.46 -12.23 -17.59
C ASP B 195 -2.40 -12.59 -19.06
N ARG B 196 -1.35 -12.18 -19.71
CA ARG B 196 -1.19 -12.44 -21.15
C ARG B 196 -1.20 -13.97 -21.45
N LYS B 197 -0.43 -14.76 -20.71
CA LYS B 197 -0.20 -16.16 -21.07
C LYS B 197 -1.16 -17.13 -20.49
N ILE B 198 -1.65 -16.91 -19.25
CA ILE B 198 -2.57 -17.86 -18.63
C ILE B 198 -3.81 -17.21 -18.08
N GLY B 199 -4.07 -15.94 -18.44
CA GLY B 199 -5.23 -15.23 -17.92
C GLY B 199 -6.55 -15.95 -18.15
N ASP B 200 -6.72 -16.51 -19.34
CA ASP B 200 -7.93 -17.28 -19.67
C ASP B 200 -8.03 -18.65 -18.97
N LYS B 201 -7.01 -19.10 -18.25
CA LYS B 201 -7.00 -20.38 -17.57
C LYS B 201 -6.99 -20.26 -16.05
N LEU B 202 -6.75 -19.05 -15.55
CA LEU B 202 -6.41 -18.81 -14.15
C LEU B 202 -7.66 -18.48 -13.37
N HIS B 203 -7.81 -19.10 -12.21
CA HIS B 203 -8.94 -18.85 -11.33
C HIS B 203 -8.34 -18.71 -9.98
N TRP B 204 -8.63 -17.60 -9.31
CA TRP B 204 -8.15 -17.41 -7.96
C TRP B 204 -9.09 -16.65 -7.07
N VAL B 205 -9.00 -16.95 -5.78
CA VAL B 205 -10.00 -16.52 -4.84
C VAL B 205 -9.36 -16.08 -3.54
N VAL B 206 -9.96 -15.04 -2.94
CA VAL B 206 -9.53 -14.49 -1.68
C VAL B 206 -10.72 -14.55 -0.76
N ASN B 207 -10.49 -15.03 0.46
CA ASN B 207 -11.51 -15.12 1.48
C ASN B 207 -11.46 -13.89 2.42
N GLY B 208 -12.44 -13.02 2.26
CA GLY B 208 -12.66 -11.89 3.18
C GLY B 208 -11.42 -11.04 3.41
N ARG B 209 -11.06 -10.88 4.69
CA ARG B 209 -9.99 -9.98 5.10
C ARG B 209 -8.71 -10.75 5.34
N ASP B 210 -8.56 -11.87 4.64
CA ASP B 210 -7.33 -12.64 4.69
C ASP B 210 -6.13 -11.74 4.49
N TRP B 211 -5.22 -11.78 5.44
CA TRP B 211 -3.92 -11.10 5.31
C TRP B 211 -3.02 -11.58 4.19
N VAL B 212 -3.08 -12.87 3.87
CA VAL B 212 -2.08 -13.45 2.99
C VAL B 212 -2.01 -12.78 1.60
N PRO B 213 -3.15 -12.51 0.97
CA PRO B 213 -3.05 -11.83 -0.33
C PRO B 213 -2.68 -10.35 -0.25
N THR B 214 -2.41 -9.85 0.94
CA THR B 214 -1.89 -8.50 1.06
C THR B 214 -0.36 -8.50 1.11
N VAL B 215 0.29 -9.67 1.14
CA VAL B 215 1.72 -9.72 1.27
C VAL B 215 2.31 -10.60 0.16
N PRO B 216 3.56 -10.36 -0.23
CA PRO B 216 4.33 -9.21 0.15
C PRO B 216 3.71 -7.94 -0.40
N PRO B 217 4.08 -6.78 0.16
CA PRO B 217 3.39 -5.54 -0.16
C PRO B 217 3.74 -4.92 -1.51
N ARG B 218 2.83 -4.11 -2.01
CA ARG B 218 3.05 -3.37 -3.24
C ARG B 218 4.24 -2.44 -3.12
N ALA B 219 4.50 -1.92 -1.92
CA ALA B 219 5.67 -1.07 -1.68
C ALA B 219 7.01 -1.76 -1.90
N LEU B 220 7.03 -3.09 -1.89
CA LEU B 220 8.22 -3.85 -2.29
C LEU B 220 8.21 -4.19 -3.80
N GLY B 221 7.20 -3.71 -4.54
CA GLY B 221 7.15 -3.82 -6.00
C GLY B 221 6.33 -4.98 -6.51
N TYR B 222 5.60 -5.66 -5.62
CA TYR B 222 4.84 -6.81 -5.97
C TYR B 222 3.44 -6.40 -6.39
N GLN B 223 2.88 -7.17 -7.32
CA GLN B 223 1.64 -6.87 -8.02
C GLN B 223 0.92 -8.18 -8.33
N HIS B 224 -0.37 -8.23 -8.00
CA HIS B 224 -1.21 -9.40 -8.34
C HIS B 224 -1.57 -9.42 -9.83
N PRO B 225 -1.88 -10.62 -10.36
CA PRO B 225 -2.43 -10.72 -11.70
C PRO B 225 -3.90 -10.30 -11.68
N SER B 226 -4.54 -10.30 -12.83
CA SER B 226 -5.92 -9.84 -12.91
C SER B 226 -6.92 -10.84 -12.32
N ASN B 227 -8.08 -10.30 -11.97
CA ASN B 227 -9.36 -11.04 -11.85
C ASN B 227 -9.42 -12.02 -10.70
N TYR B 228 -9.55 -11.55 -9.47
CA TYR B 228 -9.77 -12.47 -8.36
C TYR B 228 -11.22 -12.51 -8.01
N VAL B 229 -11.66 -13.67 -7.54
CA VAL B 229 -12.92 -13.74 -6.85
C VAL B 229 -12.70 -13.29 -5.41
N TRP B 230 -13.59 -12.48 -4.89
CA TRP B 230 -13.55 -12.12 -3.49
C TRP B 230 -14.79 -12.63 -2.83
N ILE B 231 -14.59 -13.50 -1.84
CA ILE B 231 -15.64 -13.98 -0.97
C ILE B 231 -15.74 -13.00 0.20
N TYR B 232 -16.84 -12.27 0.30
CA TYR B 232 -16.99 -11.26 1.35
C TYR B 232 -18.44 -11.16 1.76
N PRO B 233 -18.79 -11.38 3.02
CA PRO B 233 -17.85 -11.71 4.12
C PRO B 233 -17.15 -13.06 3.94
N ALA B 234 -16.06 -13.27 4.67
CA ALA B 234 -15.35 -14.53 4.60
C ALA B 234 -16.28 -15.70 4.90
N ASN B 235 -16.11 -16.79 4.15
CA ASN B 235 -16.87 -18.03 4.36
C ASN B 235 -18.33 -17.99 3.91
N SER B 236 -18.79 -16.87 3.36
CA SER B 236 -20.16 -16.73 2.92
C SER B 236 -20.32 -17.16 1.46
N THR B 237 -21.55 -17.07 0.99
CA THR B 237 -21.84 -17.36 -0.40
C THR B 237 -21.85 -16.07 -1.23
N ASN B 238 -21.41 -14.95 -0.64
CA ASN B 238 -21.38 -13.67 -1.33
CA ASN B 238 -21.40 -13.68 -1.40
C ASN B 238 -20.03 -13.53 -2.02
N TRP B 239 -19.97 -13.85 -3.32
CA TRP B 239 -18.74 -13.76 -4.07
C TRP B 239 -18.94 -12.94 -5.32
N LYS B 240 -17.90 -12.21 -5.70
CA LYS B 240 -17.89 -11.43 -6.94
C LYS B 240 -16.50 -11.50 -7.53
N LEU B 241 -16.39 -11.19 -8.82
CA LEU B 241 -15.12 -11.15 -9.50
C LEU B 241 -14.67 -9.68 -9.70
N TYR B 242 -13.42 -9.39 -9.34
CA TYR B 242 -12.85 -8.01 -9.39
C TYR B 242 -11.89 -7.92 -10.58
N PRO B 243 -12.35 -7.34 -11.70
CA PRO B 243 -11.52 -7.35 -12.92
C PRO B 243 -10.25 -6.51 -12.85
N GLY B 244 -9.34 -6.78 -13.77
CA GLY B 244 -8.02 -6.18 -13.81
C GLY B 244 -7.22 -6.50 -12.57
N GLN B 245 -6.14 -5.74 -12.39
CA GLN B 245 -5.17 -5.94 -11.33
C GLN B 245 -5.41 -5.00 -10.17
N GLU B 246 -5.30 -5.54 -8.96
CA GLU B 246 -5.33 -4.73 -7.73
C GLU B 246 -6.55 -3.81 -7.73
N ASN B 247 -7.71 -4.38 -7.97
CA ASN B 247 -8.91 -3.59 -8.12
C ASN B 247 -9.23 -2.73 -6.88
N VAL B 248 -9.47 -1.45 -7.07
CA VAL B 248 -9.66 -0.52 -5.97
C VAL B 248 -10.96 -0.74 -5.23
N HIS B 249 -11.93 -1.42 -5.83
CA HIS B 249 -13.19 -1.69 -5.20
C HIS B 249 -13.14 -2.95 -4.33
N GLY B 250 -12.03 -3.67 -4.33
CA GLY B 250 -11.92 -4.94 -3.64
C GLY B 250 -11.13 -4.89 -2.35
N MET B 251 -10.21 -5.85 -2.25
CA MET B 251 -9.29 -6.03 -1.11
C MET B 251 -8.66 -4.77 -0.65
N LEU B 252 -8.14 -4.01 -1.62
CA LEU B 252 -7.55 -2.71 -1.34
C LEU B 252 -8.40 -1.93 -0.33
N THR B 253 -9.71 -1.89 -0.48
CA THR B 253 -10.60 -1.22 0.48
C THR B 253 -10.67 -1.77 1.93
N VAL B 254 -9.85 -2.75 2.30
CA VAL B 254 -9.72 -3.21 3.69
C VAL B 254 -8.28 -3.65 4.02
N ALA B 255 -7.26 -3.33 3.21
CA ALA B 255 -5.95 -4.11 3.24
C ALA B 255 -5.05 -3.83 4.44
N ARG B 256 -5.38 -2.79 5.22
CA ARG B 256 -4.76 -2.59 6.50
C ARG B 256 -5.73 -2.97 7.65
N GLU B 257 -6.87 -3.57 7.33
CA GLU B 257 -7.78 -4.12 8.35
C GLU B 257 -7.98 -5.62 8.08
N PHE B 258 -6.86 -6.30 7.89
CA PHE B 258 -6.80 -7.72 7.65
C PHE B 258 -6.96 -8.47 8.98
N ASN B 259 -7.11 -9.77 8.86
CA ASN B 259 -6.92 -10.66 10.01
C ASN B 259 -6.18 -11.93 9.58
N PHE B 260 -5.80 -12.70 10.58
CA PHE B 260 -5.03 -13.92 10.32
C PHE B 260 -5.91 -15.16 10.32
N ASP B 261 -7.24 -14.99 10.38
CA ASP B 261 -8.17 -16.11 10.53
C ASP B 261 -8.86 -16.46 9.20
N ASP B 262 -9.12 -15.49 8.33
CA ASP B 262 -9.88 -15.78 7.12
C ASP B 262 -9.15 -16.61 6.08
N HIS B 263 -7.84 -16.78 6.26
CA HIS B 263 -7.03 -17.58 5.34
C HIS B 263 -7.60 -19.01 5.15
N GLU B 264 -8.07 -19.60 6.26
CA GLU B 264 -8.70 -20.92 6.30
C GLU B 264 -10.17 -20.70 6.42
N GLY B 265 -10.95 -21.44 5.67
CA GLY B 265 -12.39 -21.28 5.79
C GLY B 265 -13.12 -21.98 4.71
N ILE B 266 -14.30 -21.47 4.40
CA ILE B 266 -15.20 -22.11 3.45
C ILE B 266 -15.06 -21.37 2.11
N TYR B 267 -14.58 -22.09 1.09
CA TYR B 267 -14.43 -21.59 -0.27
C TYR B 267 -15.37 -22.37 -1.18
N PHE B 268 -16.44 -21.73 -1.65
CA PHE B 268 -17.43 -22.43 -2.53
C PHE B 268 -17.88 -23.79 -1.96
N HIS B 269 -18.30 -23.77 -0.70
CA HIS B 269 -18.88 -24.94 0.02
C HIS B 269 -17.93 -25.98 0.52
N THR B 270 -16.64 -25.76 0.30
CA THR B 270 -15.61 -26.70 0.68
C THR B 270 -14.66 -26.05 1.69
N GLN B 271 -14.35 -26.77 2.75
CA GLN B 271 -13.36 -26.30 3.73
C GLN B 271 -11.95 -26.43 3.18
N ILE B 272 -11.16 -25.36 3.36
CA ILE B 272 -9.73 -25.40 3.12
C ILE B 272 -8.99 -24.78 4.24
N GLY B 273 -8.02 -25.50 4.77
CA GLY B 273 -7.14 -24.99 5.82
C GLY B 273 -6.47 -26.11 6.57
N ALA B 274 -5.19 -25.94 6.84
CA ALA B 274 -4.43 -26.96 7.58
C ALA B 274 -5.06 -27.35 8.93
N SER B 275 -5.70 -26.41 9.63
CA SER B 275 -6.37 -26.74 10.90
C SER B 275 -7.85 -26.96 10.81
N LEU B 276 -8.41 -27.10 9.63
CA LEU B 276 -9.84 -26.89 9.48
C LEU B 276 -10.46 -28.04 8.71
N GLY B 277 -9.96 -28.33 7.51
CA GLY B 277 -10.53 -29.42 6.71
C GLY B 277 -10.17 -30.75 7.36
N LYS B 278 -10.84 -31.82 6.94
CA LYS B 278 -10.68 -33.17 7.55
C LYS B 278 -9.76 -34.05 6.69
N CYS B 279 -9.40 -35.23 7.18
CA CYS B 279 -8.58 -36.18 6.41
C CYS B 279 -9.22 -37.57 6.32
N PRO B 280 -9.43 -38.13 5.12
CA PRO B 280 -9.27 -37.43 3.85
C PRO B 280 -10.25 -36.25 3.70
N ALA B 281 -9.89 -35.34 2.82
CA ALA B 281 -10.62 -34.09 2.67
C ALA B 281 -12.01 -34.38 2.12
N VAL B 282 -12.99 -33.57 2.52
CA VAL B 282 -14.36 -33.74 2.08
C VAL B 282 -14.71 -32.65 1.08
N LEU B 283 -15.39 -33.05 0.02
CA LEU B 283 -15.85 -32.13 -1.00
C LEU B 283 -17.21 -31.61 -0.58
N GLY B 284 -17.37 -30.28 -0.60
CA GLY B 284 -18.63 -29.65 -0.28
C GLY B 284 -19.12 -29.78 1.16
N GLY B 285 -20.41 -29.53 1.35
CA GLY B 285 -21.05 -29.71 2.66
C GLY B 285 -21.12 -28.51 3.58
N TYR B 286 -20.54 -27.38 3.17
CA TYR B 286 -20.50 -26.17 4.00
C TYR B 286 -21.04 -24.98 3.23
#